data_3V1V
#
_entry.id   3V1V
#
_cell.length_a   99.392
_cell.length_b   99.392
_cell.length_c   105.742
_cell.angle_alpha   90.00
_cell.angle_beta   90.00
_cell.angle_gamma   90.00
#
_symmetry.space_group_name_H-M   'P 43 2 2'
#
loop_
_entity.id
_entity.type
_entity.pdbx_description
1 polymer '2-methylisoborneol synthase'
2 non-polymer 'MAGNESIUM ION'
3 non-polymer 'GERANYL S-THIOLODIPHOSPHATE'
4 non-polymer GLYCEROL
5 water water
#
_entity_poly.entity_id   1
_entity_poly.type   'polypeptide(L)'
_entity_poly.pdbx_seq_one_letter_code
;MGSSHHHHHHSSGLVPRGSHMVIPSASVTSAASDFLAALHPPVTVPDPAPPPPPAPAAGNPPDTVTGDSVLQRILRGPTG
PGTTSLAPAVRYGRQPGPEAPASAPPAAGRAVPGLYHHPVPEPDPVRVEEVSRRIKRWAEDEVQLYPEEWEGQFDGFSVG
RYMVGCHPDAPTVDHLMLATRLMVAENAVDDCYCEDHGGSPVGLGGRLLLAHTAIDHFHSTAEYTPTWQASLAADAPRRA
YDSAMGYFVRAATPSQSDRYRHDMARLHLGYLAEGAWAQTGHVPEVWEYLAMRQFNNFRPCPTITDTVGGYELPADLHAR
PDMQRVIALAGNATTIVNDLYSYTKELNSPGRHLNLPVVIAEREQLCERDAYLKAVEVHNELQHSFEAAAADLAEACPLP
PVLRFLRGVAAWVDGNHDWHRTNTYRYSLPDFW
;
_entity_poly.pdbx_strand_id   A
#
loop_
_chem_comp.id
_chem_comp.type
_chem_comp.name
_chem_comp.formula
GOL non-polymer GLYCEROL 'C3 H8 O3'
GST non-polymer 'GERANYL S-THIOLODIPHOSPHATE' 'C10 H20 O6 P2 S'
MG non-polymer 'MAGNESIUM ION' 'Mg 2'
#
# COMPACT_ATOMS: atom_id res chain seq x y z
N GLY A 109 -4.82 6.68 -20.25
CA GLY A 109 -4.82 7.93 -19.49
C GLY A 109 -6.23 8.19 -19.04
N ARG A 110 -7.17 7.35 -19.46
CA ARG A 110 -8.55 7.65 -19.11
C ARG A 110 -8.86 6.94 -17.77
N ALA A 111 -9.66 7.61 -16.96
CA ALA A 111 -10.13 7.04 -15.69
C ALA A 111 -11.14 5.93 -16.01
N VAL A 112 -11.28 4.95 -15.12
CA VAL A 112 -12.38 3.97 -15.26
C VAL A 112 -13.68 4.73 -15.34
N PRO A 113 -14.46 4.52 -16.43
CA PRO A 113 -15.78 5.18 -16.45
C PRO A 113 -16.66 4.88 -15.24
N GLY A 114 -17.29 5.90 -14.68
CA GLY A 114 -18.19 5.73 -13.54
C GLY A 114 -17.46 5.68 -12.17
N LEU A 115 -16.12 5.65 -12.17
CA LEU A 115 -15.36 5.58 -10.90
C LEU A 115 -15.29 6.98 -10.27
N TYR A 116 -15.76 7.10 -9.06
CA TYR A 116 -15.77 8.36 -8.34
C TYR A 116 -14.36 8.71 -7.87
N HIS A 117 -13.86 9.87 -8.29
CA HIS A 117 -12.43 10.25 -7.95
C HIS A 117 -12.28 11.74 -8.06
N HIS A 118 -11.15 12.25 -7.61
CA HIS A 118 -10.86 13.70 -7.61
C HIS A 118 -9.58 13.94 -8.36
N PRO A 119 -9.56 14.96 -9.24
CA PRO A 119 -8.37 15.22 -10.05
C PRO A 119 -7.31 15.77 -9.13
N VAL A 120 -6.06 15.58 -9.54
CA VAL A 120 -4.98 16.14 -8.78
C VAL A 120 -4.06 16.88 -9.78
N PRO A 121 -3.35 17.86 -9.29
CA PRO A 121 -2.37 18.69 -10.02
C PRO A 121 -1.23 17.81 -10.53
N GLU A 122 -0.55 18.23 -11.58
CA GLU A 122 0.54 17.43 -12.12
C GLU A 122 1.63 17.45 -11.01
N PRO A 123 2.26 16.30 -10.71
CA PRO A 123 3.27 16.35 -9.63
C PRO A 123 4.49 17.22 -10.03
N ASP A 124 5.04 17.99 -9.08
CA ASP A 124 6.25 18.82 -9.34
C ASP A 124 7.39 17.99 -9.92
N PRO A 125 7.79 18.25 -11.20
CA PRO A 125 8.77 17.43 -11.91
C PRO A 125 10.10 17.61 -11.27
N VAL A 126 10.36 18.73 -10.56
CA VAL A 126 11.71 18.86 -9.95
C VAL A 126 11.80 17.82 -8.81
N ARG A 127 10.75 17.75 -8.00
CA ARG A 127 10.76 16.74 -6.90
C ARG A 127 10.71 15.31 -7.46
N VAL A 128 9.91 15.13 -8.54
CA VAL A 128 9.84 13.74 -9.12
C VAL A 128 11.20 13.32 -9.53
N GLU A 129 11.96 14.24 -10.19
CA GLU A 129 13.28 13.80 -10.63
C GLU A 129 14.26 13.59 -9.51
N GLU A 130 14.18 14.39 -8.46
CA GLU A 130 15.12 14.24 -7.38
C GLU A 130 14.80 12.90 -6.64
N VAL A 131 13.51 12.64 -6.44
CA VAL A 131 13.14 11.33 -5.79
C VAL A 131 13.68 10.21 -6.67
N SER A 132 13.47 10.32 -8.00
CA SER A 132 13.92 9.24 -8.88
C SER A 132 15.39 8.98 -8.77
N ARG A 133 16.21 10.05 -8.71
CA ARG A 133 17.63 9.80 -8.65
C ARG A 133 18.05 9.22 -7.31
N ARG A 134 17.45 9.71 -6.23
CA ARG A 134 17.89 9.21 -4.92
C ARG A 134 17.40 7.73 -4.69
N ILE A 135 16.20 7.45 -5.19
CA ILE A 135 15.72 6.05 -4.89
C ILE A 135 16.55 5.04 -5.72
N LYS A 136 16.96 5.43 -6.94
CA LYS A 136 17.80 4.52 -7.75
C LYS A 136 19.08 4.34 -7.00
N ARG A 137 19.68 5.42 -6.45
CA ARG A 137 20.91 5.24 -5.69
C ARG A 137 20.74 4.37 -4.46
N TRP A 138 19.61 4.53 -3.79
CA TRP A 138 19.39 3.70 -2.58
C TRP A 138 19.29 2.21 -3.05
N ALA A 139 18.51 2.01 -4.10
CA ALA A 139 18.29 0.64 -4.60
C ALA A 139 19.59 -0.06 -5.02
N GLU A 140 20.43 0.67 -5.75
CA GLU A 140 21.66 0.10 -6.30
C GLU A 140 22.78 0.07 -5.29
N ASP A 141 22.96 1.17 -4.55
CA ASP A 141 24.11 1.30 -3.72
C ASP A 141 23.95 0.84 -2.31
N GLU A 142 22.76 1.01 -1.74
CA GLU A 142 22.60 0.68 -0.32
C GLU A 142 21.98 -0.71 -0.12
N VAL A 143 21.01 -1.12 -0.94
CA VAL A 143 20.38 -2.38 -0.61
C VAL A 143 20.43 -3.41 -1.74
N GLN A 144 21.12 -3.07 -2.86
CA GLN A 144 21.34 -4.06 -3.91
C GLN A 144 20.05 -4.73 -4.30
N LEU A 145 19.08 -3.93 -4.69
CA LEU A 145 17.71 -4.40 -4.83
C LEU A 145 17.57 -5.39 -5.97
N TYR A 146 18.37 -5.18 -7.02
CA TYR A 146 18.27 -6.04 -8.22
C TYR A 146 19.67 -6.30 -8.83
N PRO A 147 19.72 -7.19 -9.83
CA PRO A 147 20.98 -7.43 -10.58
C PRO A 147 21.09 -6.67 -11.94
N GLY A 152 14.20 -1.06 -14.55
CA GLY A 152 13.55 -1.61 -15.75
C GLY A 152 12.04 -1.80 -15.54
N GLN A 153 11.68 -2.97 -14.99
CA GLN A 153 10.44 -3.07 -14.22
C GLN A 153 10.55 -2.03 -13.09
N PHE A 154 11.75 -1.93 -12.49
CA PHE A 154 12.06 -0.87 -11.52
C PHE A 154 12.25 0.42 -12.23
N ASP A 155 11.24 1.25 -12.18
CA ASP A 155 11.63 2.62 -12.42
C ASP A 155 11.39 3.68 -11.29
N GLY A 156 12.43 4.54 -11.27
CA GLY A 156 12.51 5.60 -10.30
C GLY A 156 11.53 6.67 -10.68
N PHE A 157 11.33 6.82 -11.99
CA PHE A 157 10.38 7.86 -12.35
C PHE A 157 8.93 7.56 -11.86
N SER A 158 8.53 6.28 -12.04
CA SER A 158 7.20 5.70 -11.66
C SER A 158 7.01 5.95 -10.19
N VAL A 159 7.93 5.45 -9.36
CA VAL A 159 7.68 5.62 -7.91
C VAL A 159 7.84 7.10 -7.47
N GLY A 160 8.70 7.87 -8.14
CA GLY A 160 8.80 9.30 -7.80
C GLY A 160 7.50 10.05 -8.05
N ARG A 161 6.86 9.83 -9.20
CA ARG A 161 5.61 10.49 -9.44
C ARG A 161 4.57 10.02 -8.43
N TYR A 162 4.60 8.73 -8.18
CA TYR A 162 3.64 8.14 -7.22
C TYR A 162 3.69 8.87 -5.89
N MET A 163 4.89 8.95 -5.31
CA MET A 163 4.97 9.48 -3.95
C MET A 163 4.81 11.01 -3.92
N VAL A 164 5.37 11.71 -4.93
CA VAL A 164 5.12 13.17 -4.95
C VAL A 164 3.64 13.45 -5.06
N GLY A 165 2.99 12.74 -5.97
CA GLY A 165 1.55 12.89 -6.10
C GLY A 165 0.75 12.51 -4.87
N CYS A 166 1.23 11.54 -4.07
CA CYS A 166 0.44 11.15 -2.91
C CYS A 166 0.77 11.95 -1.64
N HIS A 167 1.89 12.71 -1.63
CA HIS A 167 2.30 13.42 -0.42
C HIS A 167 2.65 14.90 -0.81
N PRO A 168 1.63 15.63 -1.23
CA PRO A 168 1.87 17.02 -1.66
C PRO A 168 2.33 17.89 -0.52
N ASP A 169 2.07 17.50 0.72
CA ASP A 169 2.55 18.33 1.87
C ASP A 169 3.97 17.96 2.41
N ALA A 170 4.74 17.09 1.74
CA ALA A 170 6.04 16.67 2.30
C ALA A 170 6.92 17.97 2.30
N PRO A 171 7.51 18.30 3.44
CA PRO A 171 8.40 19.50 3.48
C PRO A 171 9.61 19.38 2.61
N THR A 172 10.19 18.17 2.47
CA THR A 172 11.40 17.94 1.73
C THR A 172 11.38 16.63 0.98
N VAL A 173 12.36 16.49 0.12
CA VAL A 173 12.57 15.20 -0.56
C VAL A 173 12.97 14.15 0.47
N ASP A 174 13.76 14.51 1.51
CA ASP A 174 14.05 13.51 2.55
C ASP A 174 12.74 12.90 3.14
N HIS A 175 11.76 13.75 3.39
CA HIS A 175 10.45 13.24 3.89
C HIS A 175 9.82 12.33 2.85
N LEU A 176 9.83 12.76 1.58
CA LEU A 176 9.26 11.88 0.52
C LEU A 176 9.98 10.55 0.50
N MET A 177 11.30 10.53 0.68
CA MET A 177 12.09 9.31 0.59
C MET A 177 11.73 8.33 1.71
N LEU A 178 11.29 8.82 2.85
CA LEU A 178 10.86 7.88 3.92
C LEU A 178 9.76 6.96 3.32
N ALA A 179 8.76 7.55 2.71
CA ALA A 179 7.68 6.73 2.06
C ALA A 179 8.13 5.98 0.87
N THR A 180 9.01 6.58 0.05
CA THR A 180 9.43 5.97 -1.17
C THR A 180 10.23 4.67 -0.92
N ARG A 181 11.19 4.68 0.01
CA ARG A 181 11.97 3.45 0.21
C ARG A 181 10.97 2.38 0.78
N LEU A 182 10.06 2.80 1.63
CA LEU A 182 9.17 1.74 2.20
C LEU A 182 8.28 1.16 1.10
N MET A 183 7.78 2.00 0.19
CA MET A 183 6.99 1.45 -0.92
C MET A 183 7.80 0.49 -1.81
N VAL A 184 9.05 0.87 -2.14
CA VAL A 184 9.90 0.01 -2.98
C VAL A 184 10.18 -1.33 -2.23
N ALA A 185 10.41 -1.24 -0.91
CA ALA A 185 10.71 -2.49 -0.13
C ALA A 185 9.42 -3.37 -0.15
N GLU A 186 8.26 -2.73 0.02
CA GLU A 186 6.97 -3.53 0.04
C GLU A 186 6.89 -4.26 -1.27
N ASN A 187 7.22 -3.54 -2.37
CA ASN A 187 7.19 -4.16 -3.70
C ASN A 187 8.10 -5.31 -3.89
N ALA A 188 9.31 -5.20 -3.35
CA ALA A 188 10.30 -6.20 -3.41
C ALA A 188 9.84 -7.49 -2.71
N VAL A 189 9.23 -7.37 -1.53
CA VAL A 189 8.65 -8.57 -0.89
C VAL A 189 7.61 -9.22 -1.77
N ASP A 190 6.66 -8.42 -2.28
CA ASP A 190 5.50 -8.99 -3.01
CA ASP A 190 5.56 -9.00 -3.02
C ASP A 190 6.13 -9.65 -4.25
N ASP A 191 7.04 -8.97 -4.91
CA ASP A 191 7.78 -9.60 -5.99
C ASP A 191 8.64 -10.85 -5.71
N CYS A 192 9.53 -10.87 -4.69
CA CYS A 192 10.42 -11.99 -4.48
C CYS A 192 9.72 -13.14 -3.75
N TYR A 193 8.75 -12.80 -2.89
CA TYR A 193 8.25 -13.84 -1.98
C TYR A 193 6.85 -14.31 -2.39
N CYS A 194 5.98 -13.41 -2.78
CA CYS A 194 4.58 -13.75 -2.78
C CYS A 194 4.23 -14.47 -4.08
N GLU A 195 5.07 -14.38 -5.09
CA GLU A 195 4.91 -15.31 -6.25
C GLU A 195 6.19 -16.07 -6.67
N SER A 200 2.07 -19.76 -5.75
CA SER A 200 1.98 -19.35 -4.34
C SER A 200 2.75 -20.28 -3.43
N PRO A 201 3.89 -19.79 -2.90
CA PRO A 201 4.72 -20.66 -2.02
C PRO A 201 4.02 -21.13 -0.71
N VAL A 202 4.04 -22.44 -0.59
CA VAL A 202 3.71 -23.10 0.66
C VAL A 202 4.52 -22.55 1.86
N GLY A 203 5.76 -22.15 1.64
CA GLY A 203 6.57 -21.74 2.77
C GLY A 203 6.38 -20.21 3.01
N LEU A 204 5.34 -19.59 2.39
CA LEU A 204 5.21 -18.10 2.54
C LEU A 204 5.22 -17.63 4.00
N GLY A 205 4.44 -18.29 4.85
CA GLY A 205 4.34 -17.78 6.24
C GLY A 205 5.71 -17.70 6.92
N GLY A 206 6.60 -18.66 6.64
CA GLY A 206 7.93 -18.61 7.29
C GLY A 206 8.76 -17.47 6.72
N ARG A 207 8.76 -17.33 5.39
CA ARG A 207 9.53 -16.27 4.76
C ARG A 207 9.06 -14.91 5.21
N LEU A 208 7.76 -14.77 5.30
CA LEU A 208 7.28 -13.43 5.65
C LEU A 208 7.53 -13.12 7.11
N LEU A 209 7.39 -14.07 8.01
CA LEU A 209 7.68 -13.76 9.42
C LEU A 209 9.15 -13.34 9.54
N LEU A 210 10.04 -14.06 8.87
CA LEU A 210 11.48 -13.68 9.06
C LEU A 210 11.73 -12.27 8.49
N ALA A 211 11.07 -11.93 7.39
CA ALA A 211 11.22 -10.61 6.80
C ALA A 211 10.56 -9.60 7.72
N HIS A 212 9.49 -9.99 8.42
CA HIS A 212 8.84 -9.01 9.29
C HIS A 212 9.76 -8.59 10.43
N THR A 213 10.72 -9.47 10.76
CA THR A 213 11.64 -9.10 11.85
C THR A 213 12.62 -8.02 11.38
N ALA A 214 12.65 -7.68 10.08
CA ALA A 214 13.41 -6.47 9.67
C ALA A 214 12.62 -5.18 10.02
N ILE A 215 11.35 -5.36 10.34
CA ILE A 215 10.44 -4.24 10.63
C ILE A 215 10.23 -4.17 12.16
N ASP A 216 10.01 -5.32 12.78
CA ASP A 216 9.78 -5.44 14.28
C ASP A 216 10.83 -6.39 14.80
N HIS A 217 11.91 -5.84 15.34
CA HIS A 217 13.11 -6.67 15.52
C HIS A 217 13.02 -7.86 16.44
N PHE A 218 13.85 -8.87 16.17
CA PHE A 218 14.03 -9.98 17.04
C PHE A 218 14.84 -9.60 18.25
N HIS A 219 14.44 -10.10 19.44
CA HIS A 219 15.21 -9.89 20.70
C HIS A 219 15.54 -11.29 21.24
N SER A 220 16.84 -11.57 21.43
CA SER A 220 17.21 -12.93 21.81
C SER A 220 18.58 -12.91 22.59
N THR A 221 19.20 -14.08 22.61
CA THR A 221 20.42 -14.27 23.41
C THR A 221 21.63 -13.78 22.67
N ALA A 222 22.75 -13.73 23.38
CA ALA A 222 23.98 -13.28 22.70
C ALA A 222 24.38 -14.21 21.57
N GLU A 223 24.00 -15.46 21.68
CA GLU A 223 24.36 -16.42 20.69
C GLU A 223 23.54 -16.25 19.41
N TYR A 224 22.22 -16.06 19.57
CA TYR A 224 21.32 -16.14 18.38
C TYR A 224 21.08 -14.82 17.72
N THR A 225 21.24 -13.73 18.46
CA THR A 225 21.04 -12.38 17.91
C THR A 225 21.90 -12.13 16.67
N PRO A 226 23.22 -12.35 16.76
CA PRO A 226 24.01 -12.06 15.53
C PRO A 226 23.62 -12.89 14.33
N THR A 227 23.15 -14.13 14.50
CA THR A 227 22.76 -14.92 13.34
C THR A 227 21.52 -14.29 12.66
N TRP A 228 20.57 -13.82 13.48
CA TRP A 228 19.44 -13.07 12.92
C TRP A 228 19.95 -11.81 12.24
N GLN A 229 20.87 -11.11 12.92
CA GLN A 229 21.39 -9.86 12.32
C GLN A 229 21.94 -10.10 10.89
N ALA A 230 22.68 -11.18 10.72
CA ALA A 230 23.25 -11.51 9.41
C ALA A 230 22.15 -11.81 8.39
N SER A 231 21.02 -12.39 8.86
CA SER A 231 19.92 -12.69 7.93
C SER A 231 19.35 -11.40 7.32
N LEU A 232 19.50 -10.27 7.98
CA LEU A 232 18.92 -9.03 7.42
C LEU A 232 19.67 -8.60 6.16
N ALA A 233 20.83 -9.21 5.88
CA ALA A 233 21.55 -8.87 4.62
C ALA A 233 21.35 -10.00 3.59
N ALA A 234 20.56 -11.02 3.92
CA ALA A 234 20.57 -12.21 3.12
C ALA A 234 19.89 -12.14 1.79
N ASP A 235 18.87 -11.29 1.62
CA ASP A 235 18.18 -11.17 0.36
C ASP A 235 17.68 -9.77 0.14
N ALA A 236 17.20 -9.48 -1.08
CA ALA A 236 16.86 -8.06 -1.35
C ALA A 236 15.68 -7.60 -0.48
N PRO A 237 14.67 -8.46 -0.28
CA PRO A 237 13.54 -7.96 0.53
C PRO A 237 13.97 -7.59 1.93
N ARG A 238 14.77 -8.41 2.60
CA ARG A 238 15.15 -8.00 3.93
C ARG A 238 16.12 -6.85 3.90
N ARG A 239 17.03 -6.77 2.91
CA ARG A 239 17.89 -5.58 2.97
C ARG A 239 17.04 -4.34 2.77
N ALA A 240 16.04 -4.43 1.90
CA ALA A 240 15.19 -3.26 1.59
C ALA A 240 14.36 -2.87 2.84
N TYR A 241 13.67 -3.83 3.45
CA TYR A 241 12.92 -3.47 4.70
C TYR A 241 13.85 -2.95 5.78
N ASP A 242 15.00 -3.60 6.05
CA ASP A 242 15.84 -3.22 7.15
C ASP A 242 16.26 -1.75 6.93
N SER A 243 16.76 -1.47 5.74
CA SER A 243 17.26 -0.11 5.47
C SER A 243 16.10 0.93 5.47
N ALA A 244 14.99 0.65 4.77
CA ALA A 244 13.86 1.59 4.71
C ALA A 244 13.30 1.84 6.11
N MET A 245 13.19 0.79 6.93
CA MET A 245 12.60 0.97 8.26
C MET A 245 13.64 1.73 9.09
N GLY A 246 14.93 1.49 8.89
CA GLY A 246 15.92 2.22 9.69
C GLY A 246 15.79 3.74 9.45
N TYR A 247 15.64 4.19 8.22
CA TYR A 247 15.44 5.66 7.99
C TYR A 247 14.14 6.14 8.62
N PHE A 248 13.10 5.34 8.45
CA PHE A 248 11.80 5.73 9.11
C PHE A 248 11.89 5.86 10.62
N VAL A 249 12.53 4.88 11.28
CA VAL A 249 12.59 4.88 12.75
C VAL A 249 13.41 6.12 13.21
N ARG A 250 14.42 6.46 12.44
CA ARG A 250 15.20 7.70 12.83
C ARG A 250 14.38 8.97 12.74
N ALA A 251 13.45 9.02 11.80
CA ALA A 251 12.71 10.24 11.53
C ALA A 251 11.45 10.38 12.34
N ALA A 252 10.78 9.25 12.60
CA ALA A 252 9.44 9.28 13.11
C ALA A 252 9.45 9.12 14.64
N THR A 253 8.30 9.41 15.27
CA THR A 253 8.23 9.20 16.69
C THR A 253 8.07 7.68 16.97
N PRO A 254 8.38 7.25 18.17
CA PRO A 254 8.21 5.82 18.46
C PRO A 254 6.72 5.39 18.20
N SER A 255 5.71 6.24 18.52
CA SER A 255 4.32 5.86 18.21
C SER A 255 4.07 5.71 16.72
N GLN A 256 4.66 6.59 15.89
CA GLN A 256 4.52 6.45 14.46
C GLN A 256 5.20 5.16 14.00
N SER A 257 6.40 4.85 14.55
CA SER A 257 7.02 3.56 14.14
C SER A 257 6.18 2.38 14.52
N ASP A 258 5.63 2.40 15.72
CA ASP A 258 4.83 1.25 16.19
C ASP A 258 3.58 1.11 15.33
N ARG A 259 3.00 2.24 14.96
CA ARG A 259 1.79 2.21 14.14
C ARG A 259 2.11 1.57 12.79
N TYR A 260 3.27 1.93 12.19
CA TYR A 260 3.66 1.33 10.89
CA TYR A 260 3.65 1.32 10.90
C TYR A 260 3.87 -0.19 11.09
N ARG A 261 4.50 -0.62 12.16
CA ARG A 261 4.71 -2.09 12.34
C ARG A 261 3.34 -2.81 12.38
N HIS A 262 2.37 -2.22 13.10
CA HIS A 262 1.02 -2.87 13.15
C HIS A 262 0.44 -2.91 11.73
N ASP A 263 0.58 -1.83 10.94
CA ASP A 263 0.01 -1.83 9.60
C ASP A 263 0.74 -2.83 8.71
N MET A 264 2.02 -3.02 8.97
CA MET A 264 2.75 -4.09 8.21
C MET A 264 2.36 -5.51 8.66
N ALA A 265 2.07 -5.68 9.96
CA ALA A 265 1.62 -7.00 10.40
C ALA A 265 0.29 -7.28 9.69
N ARG A 266 -0.60 -6.29 9.62
CA ARG A 266 -1.90 -6.45 8.87
C ARG A 266 -1.61 -6.86 7.45
N LEU A 267 -0.69 -6.18 6.79
CA LEU A 267 -0.45 -6.48 5.39
C LEU A 267 0.06 -7.91 5.22
N HIS A 268 1.00 -8.33 6.06
CA HIS A 268 1.52 -9.71 5.96
C HIS A 268 0.43 -10.74 6.25
N LEU A 269 -0.46 -10.47 7.21
CA LEU A 269 -1.58 -11.39 7.38
C LEU A 269 -2.45 -11.45 6.09
N GLY A 270 -2.69 -10.31 5.49
CA GLY A 270 -3.42 -10.22 4.20
C GLY A 270 -2.79 -11.07 3.12
N TYR A 271 -1.48 -10.95 2.96
CA TYR A 271 -0.77 -11.78 1.94
C TYR A 271 -0.99 -13.24 2.25
N LEU A 272 -0.94 -13.58 3.53
CA LEU A 272 -1.03 -15.00 3.84
C LEU A 272 -2.43 -15.62 3.68
N ALA A 273 -3.48 -14.82 3.85
CA ALA A 273 -4.82 -15.29 3.47
C ALA A 273 -4.87 -15.48 1.95
N GLU A 274 -4.42 -14.49 1.18
CA GLU A 274 -4.45 -14.66 -0.27
C GLU A 274 -3.63 -15.89 -0.70
N GLY A 275 -2.44 -16.09 -0.11
CA GLY A 275 -1.65 -17.24 -0.48
C GLY A 275 -2.30 -18.60 -0.05
N ALA A 276 -2.88 -18.69 1.15
CA ALA A 276 -3.56 -19.92 1.57
C ALA A 276 -4.67 -20.28 0.57
N TRP A 277 -5.43 -19.26 0.15
CA TRP A 277 -6.52 -19.59 -0.81
C TRP A 277 -5.94 -20.00 -2.15
N ALA A 278 -4.86 -19.35 -2.55
CA ALA A 278 -4.29 -19.67 -3.87
C ALA A 278 -3.76 -21.07 -3.89
N GLN A 279 -3.35 -21.60 -2.74
CA GLN A 279 -2.79 -22.98 -2.73
C GLN A 279 -3.81 -23.99 -3.12
N THR A 280 -5.11 -23.72 -2.89
CA THR A 280 -6.14 -24.68 -3.36
C THR A 280 -7.03 -24.13 -4.46
N GLY A 281 -6.70 -22.96 -4.99
CA GLY A 281 -7.56 -22.38 -6.01
C GLY A 281 -8.90 -22.00 -5.40
N HIS A 282 -8.94 -21.76 -4.11
CA HIS A 282 -10.19 -21.36 -3.46
C HIS A 282 -10.66 -19.97 -3.82
N VAL A 283 -11.93 -19.85 -4.23
CA VAL A 283 -12.54 -18.54 -4.41
C VAL A 283 -13.42 -18.29 -3.24
N PRO A 284 -13.05 -17.29 -2.39
CA PRO A 284 -13.84 -17.02 -1.18
C PRO A 284 -15.16 -16.25 -1.54
N GLU A 285 -16.06 -16.12 -0.58
CA GLU A 285 -17.25 -15.31 -0.87
C GLU A 285 -16.80 -13.88 -1.09
N VAL A 286 -17.66 -13.06 -1.66
CA VAL A 286 -17.18 -11.71 -1.95
C VAL A 286 -16.79 -10.97 -0.64
N TRP A 287 -17.59 -11.05 0.40
CA TRP A 287 -17.26 -10.26 1.60
C TRP A 287 -15.94 -10.82 2.18
N GLU A 288 -15.69 -12.12 2.00
CA GLU A 288 -14.41 -12.73 2.48
C GLU A 288 -13.21 -12.24 1.72
N TYR A 289 -13.36 -12.12 0.41
CA TYR A 289 -12.33 -11.50 -0.40
C TYR A 289 -12.12 -10.05 0.08
N LEU A 290 -13.20 -9.27 0.28
CA LEU A 290 -13.06 -7.87 0.72
C LEU A 290 -12.36 -7.83 2.11
N ALA A 291 -12.68 -8.80 2.97
CA ALA A 291 -12.01 -8.79 4.32
C ALA A 291 -10.49 -9.03 4.08
N MET A 292 -10.11 -9.98 3.26
CA MET A 292 -8.68 -10.16 3.00
C MET A 292 -8.09 -8.87 2.43
N ARG A 293 -8.83 -8.22 1.54
CA ARG A 293 -8.31 -7.03 0.87
C ARG A 293 -8.31 -5.81 1.80
N GLN A 294 -8.98 -5.89 2.94
CA GLN A 294 -8.85 -4.81 3.93
C GLN A 294 -7.43 -4.86 4.57
N PHE A 295 -6.82 -6.05 4.56
CA PHE A 295 -5.48 -6.25 5.17
C PHE A 295 -4.39 -6.21 4.11
N ASN A 296 -4.60 -6.96 3.04
CA ASN A 296 -3.67 -6.99 1.93
C ASN A 296 -3.98 -5.72 1.12
N ASN A 297 -3.37 -4.58 1.50
CA ASN A 297 -4.06 -3.32 1.24
C ASN A 297 -2.99 -2.21 1.26
N PHE A 298 -3.26 -1.10 0.58
CA PHE A 298 -2.26 0.02 0.59
C PHE A 298 -2.11 0.69 1.91
N ARG A 299 -3.00 0.38 2.87
CA ARG A 299 -3.00 1.04 4.20
C ARG A 299 -1.66 1.52 4.85
N PRO A 300 -0.62 0.74 4.83
CA PRO A 300 0.64 1.25 5.47
C PRO A 300 1.15 2.50 4.71
N CYS A 301 0.64 2.83 3.53
CA CYS A 301 1.18 4.00 2.78
C CYS A 301 0.47 5.28 3.20
N PRO A 302 -0.88 5.36 3.11
CA PRO A 302 -1.49 6.66 3.53
C PRO A 302 -1.37 6.87 5.03
N THR A 303 -1.18 5.81 5.82
CA THR A 303 -1.17 6.07 7.28
C THR A 303 0.17 6.68 7.71
N ILE A 304 1.17 6.76 6.83
CA ILE A 304 2.40 7.49 7.24
C ILE A 304 2.35 8.97 6.77
N THR A 305 1.17 9.43 6.38
CA THR A 305 1.08 10.77 5.79
C THR A 305 1.59 11.83 6.81
N ASP A 306 1.33 11.60 8.09
CA ASP A 306 1.79 12.57 9.16
C ASP A 306 3.33 12.57 9.27
N THR A 307 3.97 11.37 9.29
CA THR A 307 5.41 11.37 9.32
C THR A 307 5.97 12.05 8.11
N VAL A 308 5.40 11.77 6.95
CA VAL A 308 5.94 12.34 5.72
C VAL A 308 5.63 13.87 5.70
N GLY A 309 4.59 14.31 6.39
CA GLY A 309 4.21 15.73 6.38
C GLY A 309 4.95 16.47 7.49
N GLY A 310 5.77 15.80 8.27
CA GLY A 310 6.56 16.46 9.35
C GLY A 310 5.73 16.81 10.57
N TYR A 311 4.67 16.05 10.88
CA TYR A 311 3.97 16.32 12.13
C TYR A 311 3.54 14.99 12.72
N GLU A 312 2.76 15.06 13.80
CA GLU A 312 2.32 13.77 14.39
C GLU A 312 0.85 13.78 14.73
N LEU A 313 0.13 12.79 14.23
CA LEU A 313 -1.21 12.52 14.75
C LEU A 313 -1.03 11.77 16.08
N PRO A 314 -1.40 12.36 17.23
CA PRO A 314 -1.08 11.70 18.50
C PRO A 314 -1.73 10.27 18.52
N ALA A 315 -1.01 9.37 19.14
CA ALA A 315 -1.41 7.93 19.18
C ALA A 315 -2.80 7.76 19.74
N ASP A 316 -3.17 8.50 20.81
CA ASP A 316 -4.51 8.28 21.36
C ASP A 316 -5.61 8.75 20.42
N LEU A 317 -5.30 9.66 19.51
CA LEU A 317 -6.30 10.09 18.57
C LEU A 317 -6.31 9.09 17.38
N HIS A 318 -5.15 8.61 16.99
CA HIS A 318 -5.15 7.54 15.96
C HIS A 318 -6.00 6.36 16.42
N ALA A 319 -5.91 5.99 17.70
CA ALA A 319 -6.57 4.77 18.18
C ALA A 319 -8.09 4.92 18.33
N ARG A 320 -8.64 6.13 18.21
CA ARG A 320 -10.11 6.24 18.33
C ARG A 320 -10.78 5.32 17.32
N PRO A 321 -11.90 4.69 17.75
CA PRO A 321 -12.62 3.81 16.84
C PRO A 321 -13.05 4.54 15.59
N ASP A 322 -13.45 5.82 15.72
CA ASP A 322 -13.94 6.46 14.48
C ASP A 322 -12.78 6.70 13.50
N MET A 323 -11.62 7.03 14.05
CA MET A 323 -10.44 7.23 13.15
C MET A 323 -10.06 5.87 12.49
N GLN A 324 -10.12 4.81 13.29
CA GLN A 324 -9.76 3.49 12.71
C GLN A 324 -10.74 3.12 11.62
N ARG A 325 -12.03 3.43 11.76
CA ARG A 325 -12.93 3.21 10.61
C ARG A 325 -12.62 4.06 9.38
N VAL A 326 -12.33 5.36 9.61
CA VAL A 326 -11.92 6.21 8.51
C VAL A 326 -10.74 5.60 7.75
N ILE A 327 -9.73 5.20 8.52
CA ILE A 327 -8.49 4.64 7.84
C ILE A 327 -8.81 3.38 7.08
N ALA A 328 -9.60 2.49 7.71
CA ALA A 328 -9.90 1.24 6.99
C ALA A 328 -10.68 1.51 5.69
N LEU A 329 -11.68 2.39 5.76
CA LEU A 329 -12.47 2.70 4.54
C LEU A 329 -11.64 3.31 3.45
N ALA A 330 -10.73 4.24 3.83
CA ALA A 330 -9.85 4.81 2.82
C ALA A 330 -8.98 3.72 2.19
N GLY A 331 -8.35 2.88 3.05
CA GLY A 331 -7.46 1.87 2.47
C GLY A 331 -8.36 0.98 1.60
N ASN A 332 -9.54 0.64 2.08
CA ASN A 332 -10.32 -0.30 1.25
C ASN A 332 -10.69 0.27 -0.12
N ALA A 333 -11.18 1.50 -0.14
CA ALA A 333 -11.50 2.13 -1.41
C ALA A 333 -10.30 2.22 -2.33
N THR A 334 -9.19 2.66 -1.79
CA THR A 334 -8.09 2.92 -2.69
C THR A 334 -7.38 1.63 -3.15
N THR A 335 -7.59 0.55 -2.39
CA THR A 335 -7.06 -0.77 -2.84
C THR A 335 -7.97 -1.34 -3.91
N ILE A 336 -9.30 -1.13 -3.78
CA ILE A 336 -10.19 -1.60 -4.87
C ILE A 336 -9.88 -0.82 -6.18
N VAL A 337 -9.38 0.41 -6.06
CA VAL A 337 -8.87 1.07 -7.27
C VAL A 337 -7.86 0.26 -7.96
N ASN A 338 -6.96 -0.35 -7.20
CA ASN A 338 -6.01 -1.13 -7.89
C ASN A 338 -6.67 -2.38 -8.55
N ASP A 339 -7.60 -3.05 -7.84
CA ASP A 339 -8.33 -4.17 -8.51
C ASP A 339 -8.86 -3.75 -9.86
N LEU A 340 -9.41 -2.55 -9.93
CA LEU A 340 -10.12 -2.12 -11.15
C LEU A 340 -9.10 -1.79 -12.24
N TYR A 341 -8.02 -1.05 -11.89
CA TYR A 341 -7.01 -0.78 -12.96
C TYR A 341 -6.17 -1.95 -13.32
N SER A 342 -5.99 -2.92 -12.42
CA SER A 342 -5.05 -3.99 -12.73
C SER A 342 -5.81 -5.24 -13.20
N TYR A 343 -7.11 -5.13 -13.34
CA TYR A 343 -7.97 -6.30 -13.70
C TYR A 343 -7.48 -6.96 -15.00
N THR A 344 -7.20 -6.17 -16.05
CA THR A 344 -6.80 -6.85 -17.31
C THR A 344 -5.43 -7.51 -17.23
N LYS A 345 -4.47 -6.87 -16.54
CA LYS A 345 -3.15 -7.44 -16.24
C LYS A 345 -3.27 -8.78 -15.47
N GLU A 346 -4.14 -8.82 -14.49
CA GLU A 346 -4.18 -9.98 -13.64
C GLU A 346 -4.78 -11.17 -14.37
N LEU A 347 -5.55 -10.92 -15.42
CA LEU A 347 -6.03 -12.09 -16.22
C LEU A 347 -4.88 -12.96 -16.75
N ASN A 348 -3.67 -12.40 -16.89
CA ASN A 348 -2.49 -13.22 -17.29
C ASN A 348 -1.66 -13.73 -16.12
N SER A 349 -2.00 -13.31 -14.89
CA SER A 349 -1.27 -13.81 -13.73
C SER A 349 -1.47 -15.34 -13.57
N PRO A 350 -0.52 -16.02 -12.88
CA PRO A 350 -0.59 -17.48 -12.65
C PRO A 350 -1.87 -17.84 -11.90
N GLY A 351 -2.47 -18.95 -12.32
CA GLY A 351 -3.66 -19.46 -11.65
C GLY A 351 -4.81 -18.54 -11.99
N ARG A 352 -5.72 -18.40 -11.05
CA ARG A 352 -6.78 -17.44 -11.21
C ARG A 352 -6.54 -16.37 -10.14
N HIS A 353 -5.88 -15.28 -10.50
CA HIS A 353 -5.54 -14.29 -9.48
C HIS A 353 -6.80 -13.53 -9.01
N LEU A 354 -7.07 -13.44 -7.68
CA LEU A 354 -8.33 -12.86 -7.25
C LEU A 354 -8.31 -11.34 -7.31
N ASN A 355 -9.40 -10.72 -7.79
CA ASN A 355 -9.65 -9.31 -7.56
C ASN A 355 -11.18 -9.15 -7.49
N LEU A 356 -11.67 -7.95 -7.16
CA LEU A 356 -13.11 -7.90 -6.79
C LEU A 356 -13.99 -8.35 -8.04
N PRO A 357 -13.66 -7.86 -9.25
CA PRO A 357 -14.55 -8.26 -10.37
C PRO A 357 -14.50 -9.77 -10.53
N VAL A 358 -13.32 -10.39 -10.42
CA VAL A 358 -13.21 -11.87 -10.64
C VAL A 358 -14.02 -12.63 -9.60
N VAL A 359 -13.99 -12.15 -8.35
CA VAL A 359 -14.65 -12.89 -7.29
C VAL A 359 -16.15 -12.71 -7.40
N ILE A 360 -16.59 -11.49 -7.69
CA ILE A 360 -18.03 -11.26 -7.81
C ILE A 360 -18.57 -12.17 -8.98
N ALA A 361 -17.87 -12.12 -10.10
CA ALA A 361 -18.29 -12.92 -11.26
C ALA A 361 -18.42 -14.40 -10.88
N GLU A 362 -17.41 -14.94 -10.22
CA GLU A 362 -17.40 -16.41 -10.00
C GLU A 362 -18.40 -16.79 -8.91
N ARG A 363 -18.55 -15.98 -7.85
CA ARG A 363 -19.46 -16.41 -6.82
C ARG A 363 -20.93 -16.14 -7.17
N GLU A 364 -21.14 -14.96 -7.75
CA GLU A 364 -22.51 -14.43 -8.04
C GLU A 364 -22.97 -14.94 -9.41
N GLN A 365 -22.12 -15.74 -10.04
CA GLN A 365 -22.34 -16.20 -11.40
C GLN A 365 -22.89 -15.04 -12.34
N LEU A 366 -22.03 -14.05 -12.58
CA LEU A 366 -22.30 -12.89 -13.45
C LEU A 366 -21.26 -12.92 -14.54
N CYS A 367 -21.53 -12.32 -15.70
CA CYS A 367 -20.45 -12.26 -16.71
C CYS A 367 -19.40 -11.24 -16.18
N GLU A 368 -18.18 -11.33 -16.71
CA GLU A 368 -17.07 -10.48 -16.23
C GLU A 368 -17.47 -9.01 -16.29
N ARG A 369 -18.09 -8.60 -17.37
CA ARG A 369 -18.48 -7.23 -17.46
C ARG A 369 -19.41 -6.75 -16.37
N ASP A 370 -20.50 -7.47 -16.08
CA ASP A 370 -21.43 -6.97 -15.10
C ASP A 370 -20.74 -6.99 -13.70
N ALA A 371 -19.93 -8.02 -13.49
CA ALA A 371 -19.23 -8.12 -12.19
C ALA A 371 -18.27 -6.89 -12.03
N TYR A 372 -17.59 -6.56 -13.11
CA TYR A 372 -16.64 -5.41 -13.09
C TYR A 372 -17.45 -4.16 -12.84
N LEU A 373 -18.58 -3.95 -13.55
CA LEU A 373 -19.30 -2.73 -13.23
C LEU A 373 -19.81 -2.70 -11.78
N LYS A 374 -20.22 -3.88 -11.25
CA LYS A 374 -20.68 -3.82 -9.81
C LYS A 374 -19.43 -3.43 -8.92
N ALA A 375 -18.26 -3.93 -9.28
CA ALA A 375 -17.05 -3.61 -8.46
C ALA A 375 -16.80 -2.11 -8.43
N VAL A 376 -17.09 -1.46 -9.56
CA VAL A 376 -16.95 0.00 -9.61
C VAL A 376 -17.92 0.60 -8.61
N GLU A 377 -19.19 0.14 -8.59
CA GLU A 377 -20.10 0.70 -7.61
C GLU A 377 -19.69 0.42 -6.15
N VAL A 378 -19.10 -0.77 -5.93
CA VAL A 378 -18.64 -1.05 -4.56
C VAL A 378 -17.52 -0.03 -4.19
N HIS A 379 -16.61 0.16 -5.12
CA HIS A 379 -15.55 1.13 -4.87
C HIS A 379 -16.18 2.47 -4.52
N ASN A 380 -17.12 2.91 -5.34
CA ASN A 380 -17.73 4.21 -5.04
C ASN A 380 -18.38 4.35 -3.69
N GLU A 381 -19.12 3.32 -3.27
CA GLU A 381 -19.72 3.36 -1.95
C GLU A 381 -18.62 3.45 -0.88
N LEU A 382 -17.53 2.66 -1.04
CA LEU A 382 -16.46 2.74 -0.01
C LEU A 382 -15.83 4.16 0.03
N GLN A 383 -15.61 4.73 -1.15
CA GLN A 383 -14.95 6.05 -1.22
C GLN A 383 -15.87 7.12 -0.60
N HIS A 384 -17.16 7.09 -0.97
CA HIS A 384 -18.09 8.04 -0.32
C HIS A 384 -18.18 7.83 1.19
N SER A 385 -18.19 6.56 1.65
CA SER A 385 -18.26 6.33 3.07
C SER A 385 -17.01 6.83 3.75
N PHE A 386 -15.85 6.57 3.16
CA PHE A 386 -14.61 7.13 3.71
C PHE A 386 -14.78 8.65 3.89
N GLU A 387 -15.24 9.31 2.83
CA GLU A 387 -15.35 10.80 2.91
C GLU A 387 -16.32 11.28 3.96
N ALA A 388 -17.46 10.58 4.10
CA ALA A 388 -18.44 11.00 5.12
C ALA A 388 -17.90 10.75 6.50
N ALA A 389 -17.13 9.64 6.68
CA ALA A 389 -16.65 9.38 8.01
C ALA A 389 -15.55 10.37 8.34
N ALA A 390 -14.80 10.75 7.33
CA ALA A 390 -13.71 11.72 7.59
C ALA A 390 -14.36 13.08 7.94
N ALA A 391 -15.40 13.43 7.19
CA ALA A 391 -16.06 14.72 7.51
C ALA A 391 -16.66 14.72 8.92
N ASP A 392 -17.30 13.61 9.30
CA ASP A 392 -17.81 13.53 10.63
C ASP A 392 -16.76 13.65 11.69
N LEU A 393 -15.59 12.98 11.50
CA LEU A 393 -14.57 13.08 12.55
C LEU A 393 -13.94 14.50 12.57
N ALA A 394 -13.83 15.11 11.42
CA ALA A 394 -13.23 16.47 11.40
C ALA A 394 -14.11 17.44 12.22
N GLU A 395 -15.39 17.20 12.17
CA GLU A 395 -16.37 17.99 12.97
C GLU A 395 -16.35 17.58 14.45
N ALA A 396 -16.25 16.29 14.75
CA ALA A 396 -16.18 15.77 16.12
C ALA A 396 -14.92 16.11 16.84
N CYS A 397 -13.82 16.24 16.10
CA CYS A 397 -12.53 16.36 16.74
C CYS A 397 -11.68 17.30 15.90
N PRO A 398 -12.00 18.61 15.95
CA PRO A 398 -11.31 19.50 14.99
C PRO A 398 -9.95 19.97 15.49
N LEU A 399 -9.11 19.05 15.95
CA LEU A 399 -7.76 19.40 16.34
C LEU A 399 -6.89 19.46 15.13
N PRO A 400 -5.95 20.39 15.09
CA PRO A 400 -5.27 20.54 13.79
C PRO A 400 -4.55 19.22 13.27
N PRO A 401 -3.86 18.49 14.15
CA PRO A 401 -3.22 17.27 13.60
C PRO A 401 -4.26 16.27 13.03
N VAL A 402 -5.43 16.21 13.63
CA VAL A 402 -6.48 15.32 13.08
C VAL A 402 -6.90 15.82 11.71
N LEU A 403 -7.17 17.12 11.62
CA LEU A 403 -7.60 17.61 10.32
C LEU A 403 -6.48 17.50 9.29
N ARG A 404 -5.22 17.74 9.68
CA ARG A 404 -4.13 17.57 8.74
C ARG A 404 -4.05 16.10 8.26
N PHE A 405 -4.15 15.22 9.24
CA PHE A 405 -4.02 13.73 8.89
C PHE A 405 -5.16 13.33 7.95
N LEU A 406 -6.42 13.78 8.21
CA LEU A 406 -7.51 13.39 7.36
C LEU A 406 -7.31 13.94 5.96
N ARG A 407 -6.89 15.21 5.89
CA ARG A 407 -6.60 15.72 4.55
C ARG A 407 -5.48 14.96 3.88
N GLY A 408 -4.49 14.56 4.66
CA GLY A 408 -3.35 13.85 4.05
C GLY A 408 -3.80 12.43 3.54
N VAL A 409 -4.64 11.74 4.31
CA VAL A 409 -5.16 10.43 3.79
C VAL A 409 -5.93 10.66 2.51
N ALA A 410 -6.81 11.66 2.49
CA ALA A 410 -7.47 11.96 1.22
C ALA A 410 -6.56 12.24 0.06
N ALA A 411 -5.50 13.04 0.29
CA ALA A 411 -4.54 13.33 -0.78
C ALA A 411 -3.83 12.08 -1.24
N TRP A 412 -3.55 11.12 -0.31
CA TRP A 412 -2.84 9.88 -0.69
C TRP A 412 -3.80 9.12 -1.61
N VAL A 413 -5.04 8.98 -1.14
CA VAL A 413 -6.05 8.22 -1.96
C VAL A 413 -6.21 8.83 -3.37
N ASP A 414 -6.39 10.17 -3.43
CA ASP A 414 -6.52 10.81 -4.78
C ASP A 414 -5.27 10.61 -5.57
N GLY A 415 -4.09 10.67 -4.91
CA GLY A 415 -2.84 10.49 -5.65
C GLY A 415 -2.66 9.06 -6.13
N ASN A 416 -3.19 8.13 -5.34
CA ASN A 416 -3.08 6.74 -5.77
C ASN A 416 -4.00 6.49 -6.95
N HIS A 417 -5.22 7.05 -6.89
CA HIS A 417 -6.05 6.92 -8.10
C HIS A 417 -5.35 7.52 -9.34
N ASP A 418 -4.78 8.72 -9.19
CA ASP A 418 -4.06 9.34 -10.34
C ASP A 418 -2.92 8.48 -10.86
N TRP A 419 -2.10 7.93 -9.97
CA TRP A 419 -1.02 7.10 -10.45
C TRP A 419 -1.51 5.90 -11.26
N HIS A 420 -2.56 5.24 -10.77
CA HIS A 420 -3.05 4.06 -11.49
C HIS A 420 -3.59 4.48 -12.85
N ARG A 421 -4.34 5.60 -12.88
CA ARG A 421 -4.96 6.12 -14.13
C ARG A 421 -3.83 6.42 -15.15
N THR A 422 -2.71 6.96 -14.68
CA THR A 422 -1.67 7.35 -15.66
C THR A 422 -0.65 6.30 -15.94
N ASN A 423 -0.68 5.16 -15.23
CA ASN A 423 0.41 4.20 -15.41
C ASN A 423 0.05 3.20 -16.49
N THR A 424 0.24 3.59 -17.75
CA THR A 424 -0.16 2.78 -18.92
C THR A 424 0.88 1.70 -19.28
N TYR A 425 2.03 1.74 -18.61
CA TYR A 425 3.03 0.68 -18.63
C TYR A 425 2.61 -0.58 -17.81
N ARG A 426 1.98 -0.37 -16.64
CA ARG A 426 1.54 -1.51 -15.82
C ARG A 426 0.09 -1.91 -16.18
N TYR A 427 -0.77 -0.94 -16.50
CA TYR A 427 -2.24 -1.18 -16.54
C TYR A 427 -2.95 -0.72 -17.82
N SER A 428 -4.04 -1.40 -18.17
CA SER A 428 -4.93 -0.93 -19.21
C SER A 428 -6.34 -1.32 -18.77
N LEU A 429 -7.37 -0.84 -19.48
CA LEU A 429 -8.77 -1.02 -19.04
C LEU A 429 -9.45 -2.02 -19.91
N PRO A 430 -10.42 -2.74 -19.34
CA PRO A 430 -11.14 -3.70 -20.19
C PRO A 430 -12.13 -2.96 -21.12
N ASP A 431 -12.60 -3.63 -22.16
CA ASP A 431 -13.60 -3.01 -23.04
C ASP A 431 -15.06 -3.20 -22.60
N PHE A 432 -15.50 -2.47 -21.60
CA PHE A 432 -16.80 -2.76 -20.96
C PHE A 432 -17.78 -1.61 -21.07
N TRP A 433 -17.38 -0.57 -21.77
CA TRP A 433 -18.28 0.56 -21.86
C TRP A 433 -18.54 0.90 -23.32
MG MG B . -3.72 -5.67 -8.60
MG MG C . -0.28 -8.48 -4.24
PA GST D . -0.62 -4.87 -8.93
O1A GST D . -0.02 -3.59 -9.28
O2A GST D . -1.97 -4.88 -9.40
O3A GST D . 0.19 -5.83 -9.75
O1B GST D . -0.38 -5.21 -7.35
PB GST D . -1.44 -5.70 -6.25
O2B GST D . -2.68 -6.36 -6.89
O3B GST D . -0.78 -6.74 -5.49
S1 GST D . -2.06 -4.22 -4.99
C1 GST D . -0.60 -3.20 -4.56
C2 GST D . 0.10 -3.89 -3.44
C3 GST D . -0.55 -3.74 -2.26
C10 GST D . -1.83 -3.00 -2.14
C4 GST D . -0.03 -4.30 -1.04
C5 GST D . 0.23 -3.08 -0.19
C6 GST D . 1.14 -2.25 -1.00
C7 GST D . 1.97 -1.40 -0.43
C9 GST D . 2.78 -0.66 -1.39
C8 GST D . 2.10 -1.20 1.05
C1 GOL E . 12.57 22.53 -2.51
O1 GOL E . 12.53 22.71 -1.12
C2 GOL E . 11.77 21.33 -2.89
O2 GOL E . 10.44 21.77 -2.88
O2 GOL E . 12.07 20.21 -2.11
C3 GOL E . 12.20 20.96 -4.31
O3 GOL E . 12.71 19.63 -4.36
#